data_6SJT
#
_entry.id   6SJT
#
_cell.length_a   84.390
_cell.length_b   84.390
_cell.length_c   151.660
_cell.angle_alpha   90.000
_cell.angle_beta   90.000
_cell.angle_gamma   120.000
#
_symmetry.space_group_name_H-M   'P 62 2 2'
#
loop_
_entity.id
_entity.type
_entity.pdbx_description
1 polymer NttC
2 water water
#
_entity_poly.entity_id   1
_entity_poly.type   'polypeptide(L)'
_entity_poly.pdbx_seq_one_letter_code
;(MSE)AHHHHHHVDDDDK(MSE)APAYLTTHNRTGEESNAYIAGSIPSLYPTAAYSTNQVYWNLVRLACYGHTTNGQCPA
LIK(MSE)ATNTANPIDIGYVT(MSE)DLNTGDITPKTLSAKGYSLRVIGPGEAEITKN
;
_entity_poly.pdbx_strand_id   AAA,BBB
#
# COMPACT_ATOMS: atom_id res chain seq x y z
N ALA A 16 6.27 5.27 -19.39
CA ALA A 16 5.43 4.69 -18.30
C ALA A 16 5.82 5.31 -16.95
N PRO A 17 4.86 5.52 -16.02
CA PRO A 17 5.19 6.05 -14.70
C PRO A 17 5.77 4.95 -13.79
N ALA A 18 6.53 5.36 -12.77
CA ALA A 18 7.24 4.49 -11.81
C ALA A 18 6.21 3.76 -10.93
N TYR A 19 5.15 4.45 -10.52
CA TYR A 19 4.11 3.93 -9.60
C TYR A 19 2.71 4.28 -10.10
N LEU A 20 1.73 3.46 -9.70
CA LEU A 20 0.30 3.83 -9.66
C LEU A 20 0.03 4.46 -8.29
N THR A 21 -0.21 5.78 -8.25
CA THR A 21 -0.43 6.58 -7.02
C THR A 21 -1.93 6.84 -6.87
N THR A 22 -2.49 6.43 -5.72
CA THR A 22 -3.93 6.57 -5.37
C THR A 22 -4.07 7.42 -4.09
N HIS A 23 -4.73 8.56 -4.18
CA HIS A 23 -5.06 9.44 -3.03
C HIS A 23 -6.50 9.14 -2.58
N ASN A 24 -6.67 8.29 -1.57
CA ASN A 24 -7.99 8.01 -0.92
C ASN A 24 -8.23 9.07 0.15
N ARG A 25 -9.16 10.00 -0.13
CA ARG A 25 -9.50 11.16 0.74
C ARG A 25 -10.80 10.89 1.48
N THR A 26 -11.31 9.65 1.44
CA THR A 26 -12.56 9.22 2.09
C THR A 26 -12.22 8.47 3.39
N GLY A 27 -13.23 8.18 4.20
CA GLY A 27 -13.09 7.46 5.49
C GLY A 27 -13.25 5.95 5.32
N GLU A 28 -13.35 5.46 4.08
CA GLU A 28 -13.56 4.03 3.76
C GLU A 28 -12.48 3.56 2.78
N GLU A 29 -12.09 2.29 2.91
CA GLU A 29 -11.04 1.63 2.09
C GLU A 29 -11.53 1.56 0.64
N SER A 30 -10.65 1.84 -0.31
CA SER A 30 -10.91 1.69 -1.76
C SER A 30 -10.00 0.60 -2.32
N ASN A 31 -10.44 -0.03 -3.42
CA ASN A 31 -9.70 -1.12 -4.10
C ASN A 31 -10.25 -1.20 -5.53
N ALA A 32 -9.42 -1.70 -6.45
CA ALA A 32 -9.76 -1.94 -7.86
C ALA A 32 -10.06 -3.44 -8.05
N TYR A 33 -11.25 -3.75 -8.57
CA TYR A 33 -11.67 -5.13 -8.92
C TYR A 33 -11.36 -5.35 -10.40
N ILE A 34 -10.24 -6.02 -10.67
CA ILE A 34 -9.66 -6.24 -12.04
C ILE A 34 -10.71 -6.98 -12.88
N ALA A 35 -10.95 -6.50 -14.10
CA ALA A 35 -11.97 -7.01 -15.03
C ALA A 35 -13.33 -7.08 -14.33
N GLY A 36 -13.55 -6.24 -13.30
CA GLY A 36 -14.86 -6.02 -12.65
C GLY A 36 -15.15 -6.95 -11.48
N SER A 37 -14.31 -7.98 -11.25
CA SER A 37 -14.63 -9.11 -10.34
C SER A 37 -13.49 -9.44 -9.37
N ILE A 38 -12.22 -9.29 -9.78
CA ILE A 38 -11.04 -9.78 -9.02
C ILE A 38 -10.47 -8.64 -8.18
N PRO A 39 -10.55 -8.69 -6.84
CA PRO A 39 -9.94 -7.66 -6.00
C PRO A 39 -8.41 -7.72 -6.15
N SER A 40 -7.78 -6.55 -6.29
CA SER A 40 -6.30 -6.41 -6.29
C SER A 40 -5.79 -6.65 -4.87
N LEU A 41 -4.48 -6.85 -4.72
CA LEU A 41 -3.79 -7.11 -3.43
C LEU A 41 -3.31 -5.78 -2.83
N TYR A 42 -3.62 -4.64 -3.47
CA TYR A 42 -3.07 -3.31 -3.11
C TYR A 42 -4.20 -2.30 -2.90
N PRO A 43 -5.14 -2.54 -1.97
CA PRO A 43 -6.19 -1.58 -1.67
C PRO A 43 -5.58 -0.31 -1.07
N THR A 44 -6.19 0.85 -1.29
CA THR A 44 -5.80 2.16 -0.68
C THR A 44 -6.69 2.40 0.54
N ALA A 45 -6.11 2.38 1.73
CA ALA A 45 -6.81 2.61 3.02
C ALA A 45 -7.34 4.05 3.09
N ALA A 46 -8.21 4.33 4.06
CA ALA A 46 -8.91 5.62 4.24
C ALA A 46 -7.90 6.72 4.58
N TYR A 47 -8.15 7.94 4.07
CA TYR A 47 -7.36 9.18 4.33
C TYR A 47 -5.87 8.90 4.15
N SER A 48 -5.54 8.15 3.10
CA SER A 48 -4.19 7.62 2.82
C SER A 48 -3.88 7.73 1.33
N THR A 49 -2.63 8.05 1.01
CA THR A 49 -2.04 7.90 -0.35
C THR A 49 -1.24 6.60 -0.36
N ASN A 50 -1.40 5.78 -1.40
CA ASN A 50 -0.63 4.53 -1.60
C ASN A 50 -0.06 4.52 -3.02
N GLN A 51 1.18 4.04 -3.15
CA GLN A 51 1.95 4.01 -4.43
C GLN A 51 2.39 2.57 -4.71
N VAL A 52 1.92 2.00 -5.81
CA VAL A 52 2.21 0.59 -6.22
C VAL A 52 3.24 0.62 -7.36
N TYR A 53 4.41 -0.01 -7.12
CA TYR A 53 5.49 -0.20 -8.12
C TYR A 53 4.86 -0.71 -9.42
N TRP A 54 5.35 -0.23 -10.57
CA TRP A 54 4.68 -0.40 -11.87
C TRP A 54 4.66 -1.88 -12.30
N ASN A 55 5.72 -2.63 -12.00
CA ASN A 55 5.81 -4.08 -12.33
C ASN A 55 4.68 -4.84 -11.64
N LEU A 56 4.42 -4.52 -10.36
CA LEU A 56 3.33 -5.15 -9.57
C LEU A 56 1.99 -4.93 -10.27
N VAL A 57 1.77 -3.71 -10.77
CA VAL A 57 0.55 -3.32 -11.55
C VAL A 57 0.45 -4.27 -12.75
N ARG A 58 1.47 -4.31 -13.61
CA ARG A 58 1.53 -5.15 -14.82
C ARG A 58 1.06 -6.56 -14.47
N LEU A 59 1.55 -7.13 -13.36
CA LEU A 59 1.25 -8.51 -12.92
C LEU A 59 -0.21 -8.62 -12.44
N ALA A 60 -0.68 -7.66 -11.65
CA ALA A 60 -2.09 -7.58 -11.19
C ALA A 60 -3.02 -7.69 -12.40
N CYS A 61 -2.60 -7.12 -13.54
CA CYS A 61 -3.39 -7.05 -14.80
C CYS A 61 -3.06 -8.22 -15.74
N TYR A 62 -2.12 -9.10 -15.37
CA TYR A 62 -1.71 -10.27 -16.20
C TYR A 62 -2.92 -11.17 -16.43
N GLY A 63 -3.21 -11.47 -17.71
CA GLY A 63 -4.35 -12.29 -18.15
C GLY A 63 -5.57 -11.46 -18.48
N HIS A 64 -5.57 -10.17 -18.13
CA HIS A 64 -6.71 -9.23 -18.33
C HIS A 64 -6.31 -8.08 -19.25
N THR A 65 -5.16 -8.19 -19.91
CA THR A 65 -4.56 -7.11 -20.72
C THR A 65 -4.62 -7.49 -22.20
N THR A 66 -5.23 -6.60 -23.00
CA THR A 66 -5.26 -6.66 -24.49
C THR A 66 -4.87 -5.28 -25.02
N ASN A 67 -3.90 -5.23 -25.93
CA ASN A 67 -3.39 -3.99 -26.58
C ASN A 67 -2.80 -3.07 -25.51
N GLY A 68 -2.23 -3.65 -24.45
CA GLY A 68 -1.66 -2.91 -23.30
C GLY A 68 -2.72 -2.14 -22.51
N GLN A 69 -3.99 -2.54 -22.61
CA GLN A 69 -5.14 -1.93 -21.90
C GLN A 69 -5.67 -2.94 -20.87
N CYS A 70 -6.13 -2.45 -19.71
CA CYS A 70 -6.63 -3.28 -18.59
C CYS A 70 -7.74 -2.54 -17.86
N PRO A 71 -8.98 -3.08 -17.81
CA PRO A 71 -10.08 -2.45 -17.08
C PRO A 71 -10.20 -2.93 -15.62
N ALA A 72 -10.71 -2.07 -14.74
CA ALA A 72 -11.03 -2.42 -13.35
C ALA A 72 -12.24 -1.62 -12.86
N LEU A 73 -13.08 -2.25 -12.03
CA LEU A 73 -14.20 -1.62 -11.30
C LEU A 73 -13.67 -1.12 -9.96
N ILE A 74 -13.94 0.14 -9.62
CA ILE A 74 -13.48 0.76 -8.34
C ILE A 74 -14.61 0.65 -7.32
N LYS A 75 -14.28 0.23 -6.09
CA LYS A 75 -15.24 0.02 -4.98
C LYS A 75 -14.75 0.73 -3.73
N ALA A 77 -15.48 0.90 0.75
CA ALA A 77 -15.82 0.01 1.85
C ALA A 77 -15.43 -1.42 1.45
N THR A 78 -14.26 -1.57 0.85
CA THR A 78 -13.78 -2.83 0.23
C THR A 78 -13.46 -3.86 1.33
N ASN A 79 -13.25 -3.39 2.57
CA ASN A 79 -12.92 -4.26 3.75
C ASN A 79 -14.18 -4.47 4.60
N THR A 80 -15.37 -4.08 4.12
CA THR A 80 -16.65 -4.28 4.83
C THR A 80 -17.46 -5.38 4.13
N ALA A 81 -18.55 -5.80 4.78
CA ALA A 81 -19.52 -6.79 4.26
C ALA A 81 -20.12 -6.28 2.95
N ASN A 82 -20.44 -4.98 2.88
CA ASN A 82 -21.16 -4.32 1.75
C ASN A 82 -20.26 -3.30 1.09
N PRO A 83 -19.44 -3.69 0.08
CA PRO A 83 -18.69 -2.73 -0.74
C PRO A 83 -19.63 -1.94 -1.66
N ILE A 84 -19.14 -0.86 -2.26
CA ILE A 84 -19.94 0.12 -3.06
C ILE A 84 -19.28 0.35 -4.42
N ASP A 85 -19.95 -0.04 -5.51
CA ASP A 85 -19.45 0.06 -6.90
C ASP A 85 -19.49 1.52 -7.34
N ILE A 86 -18.32 2.10 -7.64
CA ILE A 86 -18.15 3.54 -8.02
C ILE A 86 -18.16 3.67 -9.56
N GLY A 87 -17.62 2.69 -10.27
CA GLY A 87 -17.61 2.67 -11.75
C GLY A 87 -16.33 2.11 -12.32
N TYR A 88 -16.37 1.79 -13.61
CA TYR A 88 -15.27 1.13 -14.37
C TYR A 88 -14.25 2.18 -14.84
N VAL A 89 -12.99 1.78 -14.91
CA VAL A 89 -11.88 2.58 -15.50
C VAL A 89 -10.97 1.64 -16.31
N THR A 90 -10.24 2.19 -17.28
CA THR A 90 -9.24 1.46 -18.11
C THR A 90 -7.95 2.25 -18.15
N ASP A 92 -3.85 2.42 -19.79
CA ASP A 92 -2.76 2.02 -20.67
C ASP A 92 -1.57 1.69 -19.77
N LEU A 93 -1.09 0.44 -19.78
CA LEU A 93 0.01 -0.03 -18.89
C LEU A 93 1.38 0.48 -19.38
N ASN A 94 1.42 1.17 -20.52
CA ASN A 94 2.69 1.66 -21.12
C ASN A 94 2.77 3.19 -21.00
N THR A 95 1.63 3.89 -20.96
CA THR A 95 1.54 5.37 -20.75
C THR A 95 1.07 5.67 -19.32
N GLY A 96 0.37 4.73 -18.69
CA GLY A 96 -0.30 4.93 -17.38
C GLY A 96 -1.52 5.83 -17.51
N ASP A 97 -1.99 6.08 -18.73
CA ASP A 97 -3.13 6.99 -19.01
C ASP A 97 -4.43 6.29 -18.62
N ILE A 98 -5.23 6.93 -17.77
CA ILE A 98 -6.54 6.41 -17.25
C ILE A 98 -7.68 7.10 -18.02
N THR A 99 -8.39 6.36 -18.88
CA THR A 99 -9.24 6.90 -19.98
C THR A 99 -10.44 7.65 -19.42
N PRO A 100 -11.26 7.07 -18.52
CA PRO A 100 -12.33 7.83 -17.88
C PRO A 100 -11.71 8.84 -16.89
N LYS A 101 -11.67 10.11 -17.27
CA LYS A 101 -10.95 11.18 -16.52
C LYS A 101 -11.58 11.38 -15.15
N THR A 102 -12.89 11.18 -15.03
CA THR A 102 -13.62 11.22 -13.74
C THR A 102 -14.65 10.09 -13.67
N LEU A 103 -15.01 9.69 -12.46
CA LEU A 103 -16.27 8.94 -12.12
C LEU A 103 -17.04 9.78 -11.11
N SER A 104 -18.36 9.61 -11.05
CA SER A 104 -19.23 10.16 -9.98
C SER A 104 -20.45 9.26 -9.82
N ALA A 105 -20.51 8.50 -8.72
CA ALA A 105 -21.59 7.53 -8.43
C ALA A 105 -21.63 7.25 -6.92
N LYS A 106 -22.81 6.88 -6.42
CA LYS A 106 -23.07 6.46 -5.01
C LYS A 106 -22.49 7.50 -4.05
N GLY A 107 -22.59 8.79 -4.40
CA GLY A 107 -22.10 9.92 -3.58
C GLY A 107 -20.60 9.87 -3.35
N TYR A 108 -19.85 9.32 -4.30
CA TYR A 108 -18.37 9.34 -4.35
C TYR A 108 -17.94 9.88 -5.72
N SER A 109 -16.76 10.50 -5.80
CA SER A 109 -16.17 11.06 -7.04
C SER A 109 -14.71 10.63 -7.17
N LEU A 110 -14.33 10.12 -8.34
CA LEU A 110 -12.92 9.83 -8.73
C LEU A 110 -12.45 10.87 -9.74
N ARG A 111 -11.21 11.36 -9.60
CA ARG A 111 -10.57 12.33 -10.53
C ARG A 111 -9.17 11.83 -10.87
N VAL A 112 -8.91 11.63 -12.16
CA VAL A 112 -7.56 11.31 -12.72
C VAL A 112 -6.75 12.61 -12.69
N ILE A 113 -5.60 12.60 -12.02
CA ILE A 113 -4.71 13.79 -11.82
C ILE A 113 -3.70 13.84 -12.96
N GLY A 114 -3.09 12.71 -13.28
CA GLY A 114 -2.18 12.54 -14.44
C GLY A 114 -1.97 11.07 -14.78
N PRO A 115 -0.99 10.73 -15.64
CA PRO A 115 -0.65 9.33 -15.89
C PRO A 115 -0.30 8.60 -14.59
N GLY A 116 -1.06 7.55 -14.26
CA GLY A 116 -0.81 6.64 -13.13
C GLY A 116 -1.07 7.29 -11.78
N GLU A 117 -1.85 8.38 -11.72
CA GLU A 117 -2.27 8.96 -10.43
C GLU A 117 -3.67 9.57 -10.53
N ALA A 118 -4.44 9.38 -9.45
CA ALA A 118 -5.87 9.75 -9.32
C ALA A 118 -6.23 9.86 -7.83
N GLU A 119 -7.28 10.62 -7.51
CA GLU A 119 -7.79 10.81 -6.12
C GLU A 119 -9.26 10.38 -6.06
N ILE A 120 -9.68 9.86 -4.91
CA ILE A 120 -11.11 9.52 -4.60
C ILE A 120 -11.56 10.45 -3.48
N THR A 121 -12.68 11.14 -3.68
CA THR A 121 -13.30 12.09 -2.73
C THR A 121 -14.73 11.61 -2.43
N LYS A 122 -15.30 12.06 -1.31
CA LYS A 122 -16.69 11.75 -0.88
C LYS A 122 -17.61 12.89 -1.34
N ASN A 123 -18.78 12.53 -1.88
CA ASN A 123 -19.75 13.40 -2.64
C ASN A 123 -19.32 13.45 -4.11
N ALA B 16 -2.65 -15.79 13.30
CA ALA B 16 -1.95 -14.75 12.49
C ALA B 16 -2.93 -13.66 12.07
N PRO B 17 -2.50 -12.38 11.97
CA PRO B 17 -3.37 -11.30 11.51
C PRO B 17 -3.52 -11.32 9.98
N ALA B 18 -4.61 -10.74 9.47
CA ALA B 18 -5.00 -10.72 8.04
C ALA B 18 -4.01 -9.85 7.26
N TYR B 19 -3.58 -8.73 7.85
CA TYR B 19 -2.72 -7.70 7.23
C TYR B 19 -1.62 -7.27 8.20
N LEU B 20 -0.51 -6.80 7.64
CA LEU B 20 0.46 -5.90 8.31
C LEU B 20 0.00 -4.47 8.06
N THR B 21 -0.48 -3.81 9.12
CA THR B 21 -1.01 -2.42 9.09
C THR B 21 0.05 -1.45 9.62
N THR B 22 0.43 -0.46 8.82
CA THR B 22 1.44 0.57 9.14
C THR B 22 0.80 1.96 9.08
N HIS B 23 0.79 2.67 10.21
CA HIS B 23 0.31 4.07 10.31
C HIS B 23 1.50 5.02 10.25
N ASN B 24 1.82 5.55 9.06
CA ASN B 24 2.88 6.59 8.87
C ASN B 24 2.27 7.97 9.11
N ARG B 25 2.61 8.58 10.25
CA ARG B 25 2.08 9.88 10.73
C ARG B 25 3.08 11.01 10.46
N THR B 26 4.15 10.72 9.70
CA THR B 26 5.24 11.67 9.37
C THR B 26 5.02 12.21 7.95
N GLY B 27 5.80 13.20 7.55
CA GLY B 27 5.74 13.83 6.22
C GLY B 27 6.68 13.17 5.22
N GLU B 28 7.32 12.06 5.62
CA GLU B 28 8.32 11.33 4.79
C GLU B 28 7.90 9.86 4.67
N GLU B 29 8.19 9.25 3.51
CA GLU B 29 7.86 7.84 3.18
C GLU B 29 8.67 6.92 4.09
N SER B 30 8.04 5.86 4.60
CA SER B 30 8.70 4.79 5.39
C SER B 30 8.66 3.48 4.61
N ASN B 31 9.61 2.60 4.89
CA ASN B 31 9.75 1.27 4.24
C ASN B 31 10.57 0.37 5.17
N ALA B 32 10.37 -0.95 5.06
CA ALA B 32 11.15 -1.98 5.80
C ALA B 32 12.18 -2.59 4.85
N TYR B 33 13.46 -2.55 5.24
CA TYR B 33 14.58 -3.15 4.49
C TYR B 33 14.84 -4.55 5.07
N ILE B 34 14.33 -5.58 4.39
CA ILE B 34 14.34 -7.00 4.85
C ILE B 34 15.79 -7.44 5.04
N ALA B 35 16.08 -8.09 6.17
CA ALA B 35 17.44 -8.51 6.59
C ALA B 35 18.39 -7.32 6.55
N GLY B 36 17.86 -6.09 6.68
CA GLY B 36 18.63 -4.85 6.85
C GLY B 36 19.05 -4.17 5.54
N SER B 37 18.82 -4.80 4.38
CA SER B 37 19.41 -4.37 3.09
C SER B 37 18.37 -4.30 1.95
N ILE B 38 17.37 -5.19 1.95
CA ILE B 38 16.44 -5.37 0.79
C ILE B 38 15.17 -4.55 1.03
N PRO B 39 14.91 -3.48 0.24
CA PRO B 39 13.67 -2.72 0.39
C PRO B 39 12.48 -3.61 0.00
N SER B 40 11.41 -3.56 0.78
CA SER B 40 10.10 -4.19 0.45
C SER B 40 9.45 -3.41 -0.70
N LEU B 41 8.43 -4.00 -1.33
CA LEU B 41 7.70 -3.39 -2.47
C LEU B 41 6.46 -2.64 -1.95
N TYR B 42 6.33 -2.53 -0.62
CA TYR B 42 5.10 -2.01 0.06
C TYR B 42 5.47 -0.88 1.02
N PRO B 43 6.17 0.19 0.57
CA PRO B 43 6.48 1.31 1.45
C PRO B 43 5.18 2.01 1.87
N THR B 44 5.14 2.58 3.07
CA THR B 44 4.00 3.37 3.60
C THR B 44 4.29 4.85 3.37
N ALA B 45 3.52 5.50 2.49
CA ALA B 45 3.67 6.92 2.12
C ALA B 45 3.36 7.80 3.34
N ALA B 46 3.71 9.08 3.24
CA ALA B 46 3.58 10.08 4.32
C ALA B 46 2.09 10.29 4.65
N TYR B 47 1.79 10.51 5.94
CA TYR B 47 0.44 10.83 6.49
C TYR B 47 -0.58 9.84 5.94
N SER B 48 -0.21 8.57 5.91
CA SER B 48 -0.99 7.47 5.27
C SER B 48 -0.91 6.22 6.13
N THR B 49 -2.01 5.48 6.19
CA THR B 49 -2.06 4.08 6.69
C THR B 49 -2.05 3.17 5.47
N ASN B 50 -1.25 2.09 5.51
CA ASN B 50 -1.21 1.06 4.45
C ASN B 50 -1.33 -0.33 5.10
N GLN B 51 -2.07 -1.23 4.46
CA GLN B 51 -2.33 -2.63 4.91
C GLN B 51 -1.86 -3.61 3.85
N VAL B 52 -0.90 -4.47 4.20
CA VAL B 52 -0.31 -5.49 3.29
C VAL B 52 -0.89 -6.86 3.66
N TYR B 53 -1.58 -7.51 2.72
CA TYR B 53 -2.10 -8.90 2.83
C TYR B 53 -0.99 -9.79 3.40
N TRP B 54 -1.33 -10.73 4.29
CA TRP B 54 -0.35 -11.47 5.11
C TRP B 54 0.53 -12.37 4.24
N ASN B 55 -0.03 -12.99 3.19
CA ASN B 55 0.73 -13.86 2.26
C ASN B 55 1.85 -13.05 1.59
N LEU B 56 1.57 -11.81 1.18
CA LEU B 56 2.57 -10.92 0.55
C LEU B 56 3.74 -10.70 1.51
N VAL B 57 3.44 -10.49 2.80
CA VAL B 57 4.45 -10.35 3.89
C VAL B 57 5.33 -11.62 3.88
N ARG B 58 4.72 -12.78 4.07
CA ARG B 58 5.40 -14.10 4.10
C ARG B 58 6.40 -14.18 2.95
N LEU B 59 5.99 -13.78 1.74
CA LEU B 59 6.82 -13.87 0.51
C LEU B 59 7.96 -12.84 0.54
N ALA B 60 7.66 -11.61 0.97
CA ALA B 60 8.67 -10.54 1.15
C ALA B 60 9.82 -11.07 2.04
N CYS B 61 9.48 -11.91 3.02
CA CYS B 61 10.41 -12.49 4.02
C CYS B 61 10.94 -13.87 3.56
N TYR B 62 10.52 -14.38 2.41
CA TYR B 62 10.96 -15.70 1.88
C TYR B 62 12.47 -15.67 1.66
N GLY B 63 13.18 -16.64 2.24
CA GLY B 63 14.65 -16.76 2.19
C GLY B 63 15.32 -16.13 3.40
N HIS B 64 14.57 -15.34 4.19
CA HIS B 64 15.09 -14.57 5.35
C HIS B 64 14.38 -15.03 6.63
N THR B 65 13.62 -16.12 6.58
CA THR B 65 12.78 -16.61 7.71
C THR B 65 13.35 -17.91 8.25
N THR B 66 13.62 -17.93 9.56
CA THR B 66 13.99 -19.14 10.34
C THR B 66 13.15 -19.15 11.62
N ASN B 67 12.51 -20.29 11.92
CA ASN B 67 11.68 -20.49 13.13
C ASN B 67 10.49 -19.53 13.09
N GLY B 68 10.02 -19.20 11.88
CA GLY B 68 8.92 -18.24 11.64
C GLY B 68 9.27 -16.83 12.09
N GLN B 69 10.55 -16.50 12.19
CA GLN B 69 11.05 -15.14 12.57
C GLN B 69 11.75 -14.51 11.36
N CYS B 70 11.61 -13.19 11.21
CA CYS B 70 12.16 -12.41 10.07
C CYS B 70 12.51 -11.01 10.53
N PRO B 71 13.79 -10.57 10.43
CA PRO B 71 14.19 -9.21 10.79
C PRO B 71 14.14 -8.22 9.62
N ALA B 72 13.88 -6.95 9.92
CA ALA B 72 13.91 -5.84 8.94
C ALA B 72 14.36 -4.54 9.60
N LEU B 73 15.14 -3.73 8.87
CA LEU B 73 15.55 -2.36 9.27
C LEU B 73 14.51 -1.38 8.75
N ILE B 74 14.02 -0.49 9.61
CA ILE B 74 12.99 0.53 9.24
C ILE B 74 13.70 1.83 8.88
N LYS B 75 13.30 2.45 7.77
CA LYS B 75 13.91 3.70 7.24
C LYS B 75 12.82 4.72 6.92
N ALA B 77 12.19 8.64 4.74
CA ALA B 77 12.62 9.33 3.54
C ALA B 77 13.16 8.30 2.55
N THR B 78 12.44 7.17 2.42
CA THR B 78 12.85 5.97 1.65
C THR B 78 12.85 6.30 0.15
N ASN B 79 12.13 7.34 -0.26
CA ASN B 79 12.01 7.77 -1.67
C ASN B 79 12.91 8.98 -1.95
N THR B 80 13.79 9.35 -1.01
CA THR B 80 14.71 10.53 -1.15
C THR B 80 16.15 10.05 -1.35
N ALA B 81 17.02 11.00 -1.69
CA ALA B 81 18.49 10.86 -1.80
C ALA B 81 19.07 10.26 -0.52
N ASN B 82 18.63 10.81 0.63
CA ASN B 82 19.18 10.51 1.98
C ASN B 82 18.11 9.86 2.85
N PRO B 83 17.95 8.51 2.81
CA PRO B 83 17.08 7.81 3.77
C PRO B 83 17.67 7.85 5.19
N ILE B 84 16.85 7.48 6.18
CA ILE B 84 17.20 7.62 7.63
C ILE B 84 16.90 6.28 8.33
N ASP B 85 17.95 5.62 8.83
CA ASP B 85 17.86 4.32 9.55
C ASP B 85 17.28 4.57 10.94
N ILE B 86 16.11 3.99 11.23
CA ILE B 86 15.36 4.16 12.52
C ILE B 86 15.72 3.02 13.48
N GLY B 87 15.97 1.81 12.96
CA GLY B 87 16.39 0.66 13.78
C GLY B 87 15.78 -0.64 13.32
N TYR B 88 16.34 -1.75 13.80
CA TYR B 88 15.97 -3.15 13.45
C TYR B 88 14.74 -3.58 14.24
N VAL B 89 13.93 -4.43 13.61
CA VAL B 89 12.72 -5.06 14.20
C VAL B 89 12.68 -6.51 13.74
N THR B 90 12.03 -7.38 14.51
CA THR B 90 11.76 -8.80 14.13
C THR B 90 10.28 -9.08 14.35
N ASP B 92 7.30 -12.31 14.33
CA ASP B 92 6.80 -13.66 14.23
C ASP B 92 5.74 -13.68 13.13
N LEU B 93 5.97 -14.43 12.05
CA LEU B 93 5.08 -14.42 10.85
C LEU B 93 3.83 -15.27 11.11
N ASN B 94 3.72 -15.91 12.28
CA ASN B 94 2.58 -16.80 12.63
C ASN B 94 1.69 -16.13 13.69
N THR B 95 2.27 -15.28 14.54
CA THR B 95 1.53 -14.47 15.56
C THR B 95 1.41 -13.01 15.09
N GLY B 96 2.31 -12.56 14.21
CA GLY B 96 2.43 -11.15 13.81
C GLY B 96 3.01 -10.28 14.92
N ASP B 97 3.58 -10.91 15.96
CA ASP B 97 4.15 -10.21 17.14
C ASP B 97 5.47 -9.54 16.73
N ILE B 98 5.59 -8.24 16.98
CA ILE B 98 6.78 -7.40 16.66
C ILE B 98 7.58 -7.17 17.94
N THR B 99 8.79 -7.74 18.02
CA THR B 99 9.61 -7.93 19.25
C THR B 99 9.99 -6.59 19.87
N PRO B 100 10.63 -5.64 19.14
CA PRO B 100 10.92 -4.33 19.71
C PRO B 100 9.62 -3.54 19.82
N LYS B 101 9.05 -3.42 21.03
CA LYS B 101 7.72 -2.79 21.28
C LYS B 101 7.74 -1.32 20.84
N THR B 102 8.87 -0.63 21.01
CA THR B 102 9.12 0.74 20.50
C THR B 102 10.55 0.84 19.95
N LEU B 103 10.75 1.77 19.02
CA LEU B 103 12.08 2.34 18.64
C LEU B 103 12.02 3.85 18.86
N SER B 104 13.17 4.48 19.07
CA SER B 104 13.34 5.94 19.04
C SER B 104 14.76 6.28 18.58
N ALA B 105 14.90 6.82 17.36
CA ALA B 105 16.20 7.18 16.75
C ALA B 105 16.00 8.26 15.69
N LYS B 106 17.02 9.09 15.48
CA LYS B 106 17.09 10.17 14.45
C LYS B 106 15.82 11.03 14.52
N GLY B 107 15.31 11.30 15.73
CA GLY B 107 14.12 12.13 15.97
C GLY B 107 12.87 11.56 15.34
N TYR B 108 12.79 10.22 15.25
CA TYR B 108 11.57 9.46 14.87
C TYR B 108 11.31 8.41 15.94
N SER B 109 10.04 8.06 16.14
CA SER B 109 9.60 7.05 17.13
C SER B 109 8.64 6.05 16.47
N LEU B 110 8.91 4.76 16.66
CA LEU B 110 8.03 3.63 16.25
C LEU B 110 7.36 3.05 17.50
N ARG B 111 6.06 2.74 17.40
CA ARG B 111 5.28 2.11 18.49
C ARG B 111 4.47 0.94 17.90
N VAL B 112 4.69 -0.26 18.44
CA VAL B 112 3.89 -1.48 18.14
C VAL B 112 2.54 -1.32 18.85
N ILE B 113 1.43 -1.38 18.10
CA ILE B 113 0.04 -1.19 18.60
C ILE B 113 -0.52 -2.55 19.01
N GLY B 114 -0.35 -3.56 18.14
CA GLY B 114 -0.74 -4.95 18.40
C GLY B 114 -0.02 -5.91 17.44
N PRO B 115 -0.41 -7.19 17.41
CA PRO B 115 0.08 -8.11 16.37
C PRO B 115 -0.18 -7.55 14.96
N GLY B 116 0.89 -7.34 14.19
CA GLY B 116 0.83 -6.95 12.77
C GLY B 116 0.36 -5.52 12.56
N GLU B 117 0.46 -4.65 13.57
CA GLU B 117 0.10 -3.22 13.45
C GLU B 117 1.03 -2.37 14.35
N ALA B 118 1.46 -1.23 13.82
CA ALA B 118 2.40 -0.29 14.44
C ALA B 118 2.25 1.08 13.77
N GLU B 119 2.66 2.15 14.48
CA GLU B 119 2.63 3.55 13.97
C GLU B 119 4.05 4.13 14.01
N ILE B 120 4.35 5.03 13.07
CA ILE B 120 5.59 5.85 13.04
C ILE B 120 5.19 7.31 13.25
N THR B 121 5.81 7.95 14.24
CA THR B 121 5.60 9.38 14.59
C THR B 121 6.93 10.11 14.48
N LYS B 122 6.88 11.44 14.33
CA LYS B 122 8.08 12.32 14.22
C LYS B 122 8.39 12.89 15.61
N ASN B 123 9.67 12.88 15.99
CA ASN B 123 10.21 13.10 17.37
C ASN B 123 10.20 11.76 18.12
#